data_5D3Y
#
_entry.id   5D3Y
#
_cell.length_a   59.686
_cell.length_b   72.859
_cell.length_c   77.939
_cell.angle_alpha   90.000
_cell.angle_beta   90.000
_cell.angle_gamma   90.000
#
_symmetry.space_group_name_H-M   'P 21 21 21'
#
loop_
_entity.id
_entity.type
_entity.pdbx_description
1 polymer 'Phosphatidylinositol 3,4,5-trisphosphate-dependent Rac exchanger 1 protein'
2 non-polymer INOSITOL-(1,3,4,5)-TETRAKISPHOSPHATE
3 water water
#
_entity_poly.entity_id   1
_entity_poly.type   'polypeptide(L)'
_entity_poly.pdbx_seq_one_letter_code
;GEFEKLEALEQLQSHIEGWEGSNLTDICTQLLLQGTLLKISAGNIQERAFFLFDNLLVYCKRKSRVTGSKKSTKRTKSIN
GSLYIFRGRINTEVMEVENVEDGTADYHSNGYTVTNGWKIHNTAKNKWFVCMAKTAEEKQKWLDAIIREREQRESLKLGM
ERDAYVM
;
_entity_poly.pdbx_strand_id   A,B
#
loop_
_chem_comp.id
_chem_comp.type
_chem_comp.name
_chem_comp.formula
4IP non-polymer INOSITOL-(1,3,4,5)-TETRAKISPHOSPHATE 'C6 H16 O18 P4'
#
# COMPACT_ATOMS: atom_id res chain seq x y z
N ALA A 8 -0.39 -1.62 15.20
CA ALA A 8 -1.84 -1.82 15.13
C ALA A 8 -2.44 -1.31 13.82
N LEU A 9 -1.94 -0.18 13.31
CA LEU A 9 -2.38 0.28 11.99
C LEU A 9 -2.05 -0.74 10.92
N GLU A 10 -0.85 -1.34 10.98
CA GLU A 10 -0.45 -2.33 9.98
C GLU A 10 -1.26 -3.63 10.09
N GLN A 11 -1.56 -4.02 11.34
CA GLN A 11 -2.50 -5.13 11.61
C GLN A 11 -3.89 -4.92 10.97
N LEU A 12 -4.46 -3.77 11.30
CA LEU A 12 -5.75 -3.39 10.80
C LEU A 12 -5.75 -3.43 9.28
N GLN A 13 -4.78 -2.74 8.65
CA GLN A 13 -4.76 -2.73 7.18
C GLN A 13 -4.65 -4.14 6.62
N SER A 14 -3.92 -5.01 7.31
CA SER A 14 -3.78 -6.40 6.85
C SER A 14 -5.12 -7.13 6.92
N HIS A 15 -6.05 -6.65 7.76
CA HIS A 15 -7.40 -7.26 7.76
C HIS A 15 -8.38 -6.66 6.71
N ILE A 16 -7.88 -5.81 5.82
CA ILE A 16 -8.73 -5.14 4.86
C ILE A 16 -8.29 -5.52 3.47
N GLU A 17 -9.11 -6.29 2.76
CA GLU A 17 -8.68 -6.71 1.42
C GLU A 17 -9.01 -5.67 0.36
N GLY A 18 -8.21 -5.65 -0.70
CA GLY A 18 -8.39 -4.72 -1.79
C GLY A 18 -8.02 -3.28 -1.46
N TRP A 19 -7.09 -3.09 -0.53
CA TRP A 19 -6.60 -1.75 -0.18
C TRP A 19 -6.13 -0.95 -1.38
N GLU A 20 -6.49 0.34 -1.43
CA GLU A 20 -6.00 1.25 -2.45
C GLU A 20 -5.27 2.44 -1.85
N GLY A 21 -4.14 2.79 -2.44
CA GLY A 21 -3.45 4.02 -2.09
C GLY A 21 -2.45 3.86 -0.98
N SER A 22 -1.95 4.97 -0.47
CA SER A 22 -0.91 4.95 0.56
C SER A 22 -1.32 4.13 1.79
N ASN A 23 -0.33 3.62 2.49
CA ASN A 23 -0.57 2.77 3.64
C ASN A 23 -0.90 3.59 4.88
N LEU A 24 -1.74 3.03 5.73
CA LEU A 24 -2.07 3.63 7.03
C LEU A 24 -0.82 4.05 7.79
N THR A 25 0.21 3.20 7.86
CA THR A 25 1.36 3.52 8.71
C THR A 25 2.15 4.66 8.14
N ASP A 26 1.96 4.95 6.87
CA ASP A 26 2.67 6.06 6.26
C ASP A 26 1.99 7.41 6.45
N ILE A 27 0.67 7.43 6.60
CA ILE A 27 -0.01 8.73 6.71
C ILE A 27 -0.86 8.95 7.95
N CYS A 28 -1.02 7.91 8.76
CA CYS A 28 -1.86 8.00 9.96
C CYS A 28 -1.03 7.62 11.18
N THR A 29 -1.49 7.97 12.38
CA THR A 29 -0.85 7.44 13.59
C THR A 29 -1.86 6.77 14.52
N GLN A 30 -3.14 7.02 14.28
CA GLN A 30 -4.14 6.68 15.28
C GLN A 30 -5.54 6.44 14.70
N LEU A 31 -6.12 5.29 15.02
CA LEU A 31 -7.53 5.05 14.75
C LEU A 31 -8.29 5.82 15.82
N LEU A 32 -9.06 6.78 15.39
CA LEU A 32 -9.79 7.67 16.27
C LEU A 32 -11.19 7.13 16.59
N LEU A 33 -11.82 6.48 15.61
CA LEU A 33 -13.18 5.99 15.82
C LEU A 33 -13.47 4.95 14.78
N GLN A 34 -14.17 3.89 15.16
CA GLN A 34 -14.70 3.00 14.16
C GLN A 34 -16.11 2.64 14.51
N GLY A 35 -16.91 2.31 13.51
CA GLY A 35 -18.29 2.00 13.77
C GLY A 35 -18.94 1.63 12.47
N THR A 36 -20.13 1.05 12.55
CA THR A 36 -20.85 0.69 11.34
C THR A 36 -21.97 1.72 11.15
N LEU A 37 -22.21 2.14 9.89
CA LEU A 37 -23.20 3.17 9.57
C LEU A 37 -23.89 2.74 8.29
N LEU A 38 -25.10 3.23 8.08
CA LEU A 38 -25.78 3.13 6.79
C LEU A 38 -25.27 4.27 5.92
N LYS A 39 -24.97 3.96 4.66
CA LYS A 39 -24.49 4.97 3.71
C LYS A 39 -25.47 5.06 2.54
N ILE A 40 -26.04 6.25 2.29
CA ILE A 40 -26.83 6.48 1.07
C ILE A 40 -25.91 7.16 0.03
N SER A 41 -25.68 6.49 -1.10
CA SER A 41 -24.83 7.04 -2.15
C SER A 41 -25.34 6.67 -3.53
N ALA A 42 -25.44 7.65 -4.44
CA ALA A 42 -25.89 7.39 -5.81
C ALA A 42 -27.23 6.64 -5.81
N GLY A 43 -28.10 6.96 -4.87
CA GLY A 43 -29.38 6.26 -4.78
C GLY A 43 -29.44 4.90 -4.07
N ASN A 44 -28.29 4.35 -3.66
CA ASN A 44 -28.22 3.07 -2.96
C ASN A 44 -28.11 3.21 -1.47
N ILE A 45 -28.65 2.25 -0.72
CA ILE A 45 -28.34 2.24 0.71
C ILE A 45 -27.59 0.95 1.01
N GLN A 46 -26.43 1.08 1.65
CA GLN A 46 -25.58 -0.04 1.97
C GLN A 46 -24.98 0.20 3.36
N GLU A 47 -24.77 -0.84 4.13
CA GLU A 47 -24.09 -0.71 5.44
C GLU A 47 -22.58 -0.79 5.21
N ARG A 48 -21.82 0.05 5.89
CA ARG A 48 -20.37 0.00 5.72
C ARG A 48 -19.74 0.17 7.09
N ALA A 49 -18.56 -0.44 7.27
CA ALA A 49 -17.73 -0.15 8.45
C ALA A 49 -16.88 1.10 8.16
N PHE A 50 -17.01 2.11 9.01
CA PHE A 50 -16.26 3.35 8.86
C PHE A 50 -15.12 3.42 9.87
N PHE A 51 -13.98 3.92 9.43
CA PHE A 51 -12.82 4.12 10.28
C PHE A 51 -12.32 5.55 10.13
N LEU A 52 -12.30 6.33 11.21
CA LEU A 52 -11.71 7.66 11.14
C LEU A 52 -10.33 7.61 11.79
N PHE A 53 -9.32 8.02 11.02
CA PHE A 53 -7.94 8.18 11.48
C PHE A 53 -7.59 9.65 11.45
N ASP A 54 -6.47 9.97 12.10
CA ASP A 54 -5.94 11.28 11.84
C ASP A 54 -5.60 11.28 10.35
N ASN A 55 -6.08 12.31 9.67
CA ASN A 55 -5.80 12.54 8.23
C ASN A 55 -6.64 11.73 7.24
N LEU A 56 -7.42 10.77 7.73
CA LEU A 56 -8.03 9.85 6.75
C LEU A 56 -9.34 9.23 7.25
N LEU A 57 -10.37 9.26 6.39
CA LEU A 57 -11.58 8.48 6.61
C LEU A 57 -11.66 7.30 5.64
N VAL A 58 -11.86 6.08 6.14
CA VAL A 58 -11.91 4.88 5.28
C VAL A 58 -13.26 4.17 5.50
N TYR A 59 -13.86 3.64 4.45
CA TYR A 59 -15.02 2.76 4.65
C TYR A 59 -14.91 1.47 3.85
N CYS A 60 -15.43 0.41 4.45
CA CYS A 60 -15.23 -0.92 3.98
C CYS A 60 -16.55 -1.64 4.01
N LYS A 61 -16.69 -2.62 3.12
CA LYS A 61 -17.76 -3.60 3.27
C LYS A 61 -17.29 -4.67 4.26
N ARG A 62 -18.12 -5.00 5.24
CA ARG A 62 -17.80 -6.12 6.12
C ARG A 62 -18.19 -7.41 5.42
N LYS A 63 -17.25 -8.34 5.39
CA LYS A 63 -17.39 -9.65 4.74
C LYS A 63 -18.36 -10.51 5.53
N SER A 64 -19.33 -11.14 4.86
CA SER A 64 -20.19 -12.10 5.54
C SER A 64 -19.37 -13.34 5.82
N ARG A 65 -19.73 -14.07 6.87
CA ARG A 65 -19.00 -15.27 7.22
C ARG A 65 -19.55 -16.51 6.54
N VAL A 66 -20.49 -16.32 5.62
CA VAL A 66 -21.08 -17.44 4.90
C VAL A 66 -20.03 -18.10 4.01
N SER A 82 -9.10 -12.14 7.37
CA SER A 82 -9.52 -10.88 6.75
C SER A 82 -11.03 -10.63 6.98
N LEU A 83 -11.37 -9.43 7.42
CA LEU A 83 -12.72 -9.11 7.85
C LEU A 83 -13.46 -8.11 6.94
N TYR A 84 -12.70 -7.36 6.16
CA TYR A 84 -13.24 -6.23 5.42
C TYR A 84 -12.79 -6.19 4.00
N ILE A 85 -13.64 -5.63 3.14
CA ILE A 85 -13.24 -5.26 1.79
C ILE A 85 -13.20 -3.75 1.68
N PHE A 86 -12.06 -3.22 1.25
CA PHE A 86 -11.86 -1.78 1.04
C PHE A 86 -12.88 -1.27 0.05
N ARG A 87 -13.54 -0.16 0.37
CA ARG A 87 -14.43 0.44 -0.60
C ARG A 87 -14.13 1.92 -0.88
N GLY A 88 -13.65 2.67 0.12
CA GLY A 88 -13.45 4.09 -0.10
C GLY A 88 -12.53 4.78 0.90
N ARG A 89 -11.87 5.85 0.46
CA ARG A 89 -11.07 6.64 1.40
C ARG A 89 -11.17 8.11 1.04
N ILE A 90 -11.12 8.97 2.06
CA ILE A 90 -11.16 10.40 1.87
C ILE A 90 -10.10 11.07 2.75
N ASN A 91 -9.26 11.90 2.17
CA ASN A 91 -8.36 12.74 2.96
CA ASN A 91 -8.35 12.75 2.95
C ASN A 91 -9.17 13.73 3.78
N THR A 92 -9.02 13.70 5.10
CA THR A 92 -9.90 14.57 5.88
C THR A 92 -9.62 16.05 5.58
N GLU A 93 -8.44 16.39 5.12
CA GLU A 93 -8.17 17.80 4.86
C GLU A 93 -9.04 18.40 3.73
N VAL A 94 -9.59 17.56 2.85
CA VAL A 94 -10.52 18.06 1.82
C VAL A 94 -11.96 17.60 2.05
N MET A 95 -12.20 16.98 3.20
CA MET A 95 -13.53 16.47 3.55
C MET A 95 -14.39 17.57 4.14
N GLU A 96 -15.61 17.72 3.66
CA GLU A 96 -16.57 18.60 4.30
C GLU A 96 -17.71 17.80 4.85
N VAL A 97 -18.33 18.31 5.90
CA VAL A 97 -19.35 17.58 6.60
C VAL A 97 -20.52 18.52 6.88
N GLU A 98 -21.74 18.02 6.73
CA GLU A 98 -22.93 18.83 6.96
C GLU A 98 -23.94 18.05 7.77
N ASN A 99 -24.49 18.63 8.83
CA ASN A 99 -25.54 17.96 9.56
C ASN A 99 -26.79 17.78 8.70
N VAL A 100 -27.57 16.74 8.96
CA VAL A 100 -28.86 16.55 8.33
C VAL A 100 -29.88 16.46 9.44
N GLU A 101 -30.92 17.26 9.38
CA GLU A 101 -31.96 17.20 10.41
C GLU A 101 -32.84 16.00 10.17
N ASP A 102 -33.22 15.34 11.26
CA ASP A 102 -34.10 14.19 11.19
C ASP A 102 -35.33 14.56 10.41
N GLY A 103 -35.80 13.66 9.57
CA GLY A 103 -37.00 13.90 8.78
C GLY A 103 -36.68 14.44 7.40
N THR A 104 -35.43 14.80 7.15
CA THR A 104 -35.03 15.25 5.82
C THR A 104 -35.19 14.13 4.80
N ALA A 105 -35.83 14.43 3.68
CA ALA A 105 -35.90 13.51 2.54
C ALA A 105 -35.68 14.33 1.29
N ASP A 106 -34.54 14.15 0.61
CA ASP A 106 -34.12 15.10 -0.40
C ASP A 106 -33.26 14.47 -1.48
N TYR A 107 -32.60 15.30 -2.28
CA TYR A 107 -31.75 14.77 -3.36
C TYR A 107 -30.70 13.76 -2.87
N HIS A 108 -29.91 14.12 -1.87
CA HIS A 108 -28.82 13.25 -1.44
C HIS A 108 -29.30 11.97 -0.73
N SER A 109 -30.48 12.02 -0.12
CA SER A 109 -31.01 10.79 0.48
C SER A 109 -31.85 10.01 -0.52
N ASN A 110 -31.92 10.53 -1.73
CA ASN A 110 -32.78 10.01 -2.80
C ASN A 110 -34.20 9.72 -2.32
N GLY A 111 -34.75 10.61 -1.50
CA GLY A 111 -36.10 10.50 -1.01
C GLY A 111 -36.30 9.69 0.25
N TYR A 112 -35.23 9.03 0.70
CA TYR A 112 -35.25 8.29 1.96
C TYR A 112 -35.33 9.28 3.12
N THR A 113 -36.15 8.97 4.12
CA THR A 113 -36.24 9.82 5.31
C THR A 113 -35.06 9.57 6.26
N VAL A 114 -34.24 10.59 6.40
CA VAL A 114 -33.01 10.51 7.18
C VAL A 114 -33.27 10.69 8.68
N THR A 115 -32.71 9.81 9.51
CA THR A 115 -32.67 10.07 10.95
C THR A 115 -31.26 9.77 11.42
N ASN A 116 -30.82 10.47 12.45
CA ASN A 116 -29.47 10.27 12.97
C ASN A 116 -28.42 10.36 11.84
N GLY A 117 -28.60 11.32 10.93
CA GLY A 117 -27.74 11.42 9.75
C GLY A 117 -26.91 12.67 9.54
N TRP A 118 -25.98 12.55 8.59
CA TRP A 118 -25.14 13.67 8.19
C TRP A 118 -24.60 13.36 6.81
N LYS A 119 -24.00 14.36 6.18
CA LYS A 119 -23.48 14.18 4.84
C LYS A 119 -22.03 14.41 4.86
N ILE A 120 -21.36 13.71 3.98
CA ILE A 120 -19.92 13.80 3.78
CA ILE A 120 -19.94 13.84 3.79
C ILE A 120 -19.67 14.17 2.33
N HIS A 121 -18.83 15.17 2.09
CA HIS A 121 -18.42 15.56 0.76
C HIS A 121 -17.09 14.90 0.42
N ASN A 122 -17.13 14.05 -0.60
CA ASN A 122 -15.97 13.43 -1.24
C ASN A 122 -15.63 14.25 -2.49
N THR A 123 -14.78 15.26 -2.33
CA THR A 123 -14.46 16.15 -3.43
CA THR A 123 -14.43 16.15 -3.43
C THR A 123 -13.74 15.42 -4.57
N ALA A 124 -12.94 14.42 -4.22
CA ALA A 124 -12.22 13.60 -5.21
C ALA A 124 -13.14 12.96 -6.25
N LYS A 125 -14.40 12.70 -5.90
CA LYS A 125 -15.36 12.20 -6.89
C LYS A 125 -16.46 13.22 -7.15
N ASN A 126 -16.24 14.47 -6.72
CA ASN A 126 -17.30 15.48 -6.78
C ASN A 126 -18.66 14.94 -6.35
N LYS A 127 -18.73 14.35 -5.16
CA LYS A 127 -20.03 13.89 -4.73
C LYS A 127 -20.17 13.93 -3.22
N TRP A 128 -21.42 13.96 -2.75
CA TRP A 128 -21.75 13.80 -1.36
C TRP A 128 -22.31 12.39 -1.13
N PHE A 129 -22.18 11.85 0.07
CA PHE A 129 -23.05 10.74 0.46
C PHE A 129 -23.57 10.95 1.87
N VAL A 130 -24.64 10.24 2.22
CA VAL A 130 -25.27 10.42 3.53
C VAL A 130 -24.87 9.27 4.46
N CYS A 131 -24.46 9.57 5.69
CA CYS A 131 -24.30 8.55 6.74
C CYS A 131 -25.46 8.59 7.72
N MET A 132 -25.89 7.43 8.21
CA MET A 132 -26.88 7.34 9.28
C MET A 132 -26.44 6.34 10.34
N ALA A 133 -26.50 6.77 11.60
CA ALA A 133 -26.07 5.96 12.75
C ALA A 133 -27.29 5.32 13.38
N LYS A 134 -27.07 4.28 14.17
CA LYS A 134 -28.15 3.57 14.80
C LYS A 134 -28.88 4.47 15.81
N THR A 135 -28.14 5.32 16.49
CA THR A 135 -28.68 6.09 17.59
C THR A 135 -28.23 7.51 17.49
N ALA A 136 -28.90 8.39 18.21
CA ALA A 136 -28.50 9.80 18.28
C ALA A 136 -27.12 9.94 18.92
N GLU A 137 -26.85 9.12 19.93
CA GLU A 137 -25.56 9.19 20.64
C GLU A 137 -24.43 8.86 19.70
N GLU A 138 -24.67 7.86 18.87
CA GLU A 138 -23.68 7.43 17.90
C GLU A 138 -23.39 8.51 16.84
N LYS A 139 -24.43 9.19 16.38
CA LYS A 139 -24.24 10.28 15.42
C LYS A 139 -23.37 11.33 16.10
N GLN A 140 -23.74 11.67 17.33
CA GLN A 140 -22.95 12.71 18.02
C GLN A 140 -21.47 12.31 18.22
N LYS A 141 -21.23 11.04 18.52
CA LYS A 141 -19.87 10.51 18.59
C LYS A 141 -19.13 10.76 17.30
N TRP A 142 -19.75 10.44 16.16
CA TRP A 142 -19.09 10.67 14.87
C TRP A 142 -18.83 12.15 14.56
N LEU A 143 -19.83 13.00 14.78
CA LEU A 143 -19.65 14.42 14.48
C LEU A 143 -18.54 15.05 15.35
N ASP A 144 -18.57 14.71 16.64
CA ASP A 144 -17.54 15.23 17.56
C ASP A 144 -16.15 14.72 17.19
N ALA A 145 -16.04 13.43 16.84
CA ALA A 145 -14.74 12.90 16.45
C ALA A 145 -14.22 13.60 15.19
N ILE A 146 -15.09 13.84 14.20
CA ILE A 146 -14.66 14.55 12.99
C ILE A 146 -14.18 15.99 13.28
N ILE A 147 -14.91 16.67 14.16
CA ILE A 147 -14.48 18.01 14.59
C ILE A 147 -13.12 17.93 15.28
N ARG A 148 -12.95 17.01 16.22
CA ARG A 148 -11.68 16.89 16.94
C ARG A 148 -10.51 16.58 16.01
N GLU A 149 -10.74 15.71 15.02
CA GLU A 149 -9.70 15.37 14.06
C GLU A 149 -9.29 16.65 13.34
N ARG A 150 -10.30 17.40 12.89
CA ARG A 150 -9.99 18.64 12.21
C ARG A 150 -9.22 19.64 13.10
N GLU A 151 -9.70 19.82 14.32
CA GLU A 151 -9.10 20.78 15.22
C GLU A 151 -7.67 20.40 15.58
N GLN A 152 -7.41 19.11 15.78
CA GLN A 152 -6.04 18.67 16.07
C GLN A 152 -5.17 18.92 14.86
N ARG A 153 -5.72 18.63 13.67
CA ARG A 153 -4.93 18.75 12.45
C ARG A 153 -4.57 20.22 12.18
N GLU A 154 -5.47 21.12 12.53
CA GLU A 154 -5.23 22.53 12.32
C GLU A 154 -4.39 23.17 13.44
N SER A 155 -4.32 22.51 14.58
CA SER A 155 -3.57 23.05 15.72
C SER A 155 -2.07 23.13 15.48
N LEU A 156 -1.40 23.99 16.25
CA LEU A 156 0.07 24.03 16.27
C LEU A 156 0.60 22.81 17.01
N LYS A 157 1.56 22.11 16.41
CA LYS A 157 2.06 20.86 16.96
C LYS A 157 3.16 21.09 17.99
N LEU A 158 3.34 20.11 18.89
CA LEU A 158 4.28 20.22 20.03
C LEU A 158 5.66 19.59 19.76
N ALA B 8 32.90 -17.01 0.86
CA ALA B 8 31.46 -17.22 0.93
C ALA B 8 30.74 -16.64 -0.31
N LEU B 9 31.22 -15.51 -0.81
CA LEU B 9 30.69 -15.01 -2.09
C LEU B 9 30.97 -16.06 -3.17
N GLU B 10 32.16 -16.67 -3.14
CA GLU B 10 32.52 -17.68 -4.13
C GLU B 10 31.67 -18.96 -4.02
N GLN B 11 31.37 -19.36 -2.79
CA GLN B 11 30.46 -20.47 -2.52
C GLN B 11 29.08 -20.21 -3.14
N LEU B 12 28.54 -19.03 -2.78
CA LEU B 12 27.23 -18.62 -3.26
C LEU B 12 27.22 -18.68 -4.77
N GLN B 13 28.20 -18.03 -5.40
CA GLN B 13 28.25 -18.02 -6.86
C GLN B 13 28.34 -19.42 -7.43
N SER B 14 29.04 -20.30 -6.72
CA SER B 14 29.19 -21.69 -7.19
C SER B 14 27.86 -22.43 -7.13
N HIS B 15 26.94 -21.97 -6.28
CA HIS B 15 25.58 -22.55 -6.26
C HIS B 15 24.59 -21.97 -7.28
N ILE B 16 25.09 -21.13 -8.16
CA ILE B 16 24.27 -20.46 -9.16
C ILE B 16 24.75 -20.85 -10.53
N GLU B 17 23.95 -21.64 -11.25
CA GLU B 17 24.36 -22.08 -12.57
C GLU B 17 24.05 -21.02 -13.63
N GLY B 18 24.83 -21.02 -14.71
CA GLY B 18 24.66 -20.07 -15.79
C GLY B 18 25.04 -18.63 -15.48
N TRP B 19 25.97 -18.43 -14.56
CA TRP B 19 26.43 -17.11 -14.21
C TRP B 19 26.85 -16.29 -15.43
N GLU B 20 26.48 -15.00 -15.46
CA GLU B 20 26.94 -14.07 -16.51
C GLU B 20 27.68 -12.91 -15.90
N GLY B 21 28.77 -12.49 -16.54
CA GLY B 21 29.45 -11.26 -16.17
C GLY B 21 30.48 -11.40 -15.07
N SER B 22 31.01 -10.28 -14.57
CA SER B 22 32.07 -10.31 -13.56
C SER B 22 31.70 -11.13 -12.33
N ASN B 23 32.70 -11.66 -11.64
CA ASN B 23 32.44 -12.52 -10.49
C ASN B 23 32.06 -11.71 -9.26
N LEU B 24 31.23 -12.29 -8.38
CA LEU B 24 30.87 -11.64 -7.12
C LEU B 24 32.10 -11.14 -6.36
N THR B 25 33.15 -11.97 -6.24
CA THR B 25 34.32 -11.60 -5.43
C THR B 25 35.14 -10.52 -6.09
N ASP B 26 34.96 -10.31 -7.38
CA ASP B 26 35.69 -9.26 -8.04
C ASP B 26 35.00 -7.89 -7.88
N ILE B 27 33.69 -7.86 -7.70
CA ILE B 27 33.04 -6.56 -7.58
C ILE B 27 32.20 -6.34 -6.29
N CYS B 28 32.03 -7.39 -5.48
CA CYS B 28 31.22 -7.27 -4.27
C CYS B 28 32.04 -7.63 -3.04
N THR B 29 31.56 -7.28 -1.84
CA THR B 29 32.21 -7.78 -0.62
C THR B 29 31.23 -8.44 0.34
N GLN B 30 29.94 -8.22 0.13
CA GLN B 30 28.96 -8.59 1.14
C GLN B 30 27.55 -8.80 0.55
N LEU B 31 26.94 -9.94 0.89
CA LEU B 31 25.51 -10.16 0.63
C LEU B 31 24.75 -9.38 1.69
N LEU B 32 23.94 -8.42 1.29
CA LEU B 32 23.19 -7.54 2.21
C LEU B 32 21.80 -8.10 2.54
N LEU B 33 21.17 -8.72 1.55
CA LEU B 33 19.82 -9.23 1.74
C LEU B 33 19.55 -10.26 0.67
N GLN B 34 18.89 -11.34 1.04
CA GLN B 34 18.37 -12.26 0.03
C GLN B 34 16.94 -12.62 0.40
N GLY B 35 16.13 -12.97 -0.60
CA GLY B 35 14.74 -13.28 -0.33
C GLY B 35 14.07 -13.61 -1.65
N THR B 36 12.87 -14.17 -1.58
CA THR B 36 12.15 -14.51 -2.78
CA THR B 36 12.13 -14.54 -2.76
C THR B 36 11.03 -13.49 -3.00
N LEU B 37 10.82 -13.11 -4.27
CA LEU B 37 9.85 -12.08 -4.61
C LEU B 37 9.16 -12.49 -5.88
N LEU B 38 7.94 -12.01 -6.08
CA LEU B 38 7.29 -12.14 -7.39
C LEU B 38 7.78 -10.98 -8.25
N LYS B 39 8.10 -11.28 -9.51
CA LYS B 39 8.57 -10.29 -10.45
C LYS B 39 7.60 -10.18 -11.61
N ILE B 40 7.07 -8.98 -11.87
CA ILE B 40 6.28 -8.79 -13.09
C ILE B 40 7.19 -8.11 -14.13
N SER B 41 7.44 -8.77 -15.26
CA SER B 41 8.32 -8.21 -16.29
C SER B 41 7.80 -8.56 -17.68
N ALA B 42 7.74 -7.58 -18.57
CA ALA B 42 7.30 -7.85 -19.94
C ALA B 42 5.96 -8.64 -19.96
N GLY B 43 5.05 -8.33 -19.03
CA GLY B 43 3.78 -9.04 -18.94
C GLY B 43 3.75 -10.39 -18.23
N ASN B 44 4.90 -10.94 -17.84
CA ASN B 44 4.92 -12.22 -17.13
C ASN B 44 5.03 -12.06 -15.64
N ILE B 45 4.51 -13.01 -14.89
CA ILE B 45 4.78 -13.06 -13.45
C ILE B 45 5.54 -14.36 -13.14
N GLN B 46 6.68 -14.20 -12.48
CA GLN B 46 7.56 -15.31 -12.16
C GLN B 46 8.14 -15.07 -10.78
N GLU B 47 8.28 -16.12 -10.00
CA GLU B 47 8.92 -15.98 -8.69
C GLU B 47 10.44 -16.04 -8.88
N ARG B 48 11.18 -15.18 -8.19
CA ARG B 48 12.65 -15.19 -8.31
C ARG B 48 13.30 -15.02 -6.94
N ALA B 49 14.46 -15.64 -6.78
CA ALA B 49 15.33 -15.37 -5.64
C ALA B 49 16.19 -14.14 -5.95
N PHE B 50 16.06 -13.12 -5.11
CA PHE B 50 16.79 -11.89 -5.26
C PHE B 50 17.91 -11.85 -4.22
N PHE B 51 19.07 -11.35 -4.64
CA PHE B 51 20.25 -11.16 -3.80
C PHE B 51 20.72 -9.73 -3.97
N LEU B 52 20.74 -8.96 -2.88
CA LEU B 52 21.32 -7.63 -2.96
C LEU B 52 22.72 -7.65 -2.36
N PHE B 53 23.72 -7.24 -3.13
CA PHE B 53 25.11 -7.11 -2.67
C PHE B 53 25.48 -5.64 -2.68
N ASP B 54 26.59 -5.31 -2.03
CA ASP B 54 27.16 -3.99 -2.27
C ASP B 54 27.49 -3.98 -3.76
N ASN B 55 27.03 -2.93 -4.46
CA ASN B 55 27.27 -2.75 -5.91
C ASN B 55 26.40 -3.56 -6.89
N LEU B 56 25.60 -4.50 -6.40
CA LEU B 56 25.00 -5.44 -7.38
C LEU B 56 23.73 -6.03 -6.91
N LEU B 57 22.70 -6.01 -7.76
CA LEU B 57 21.47 -6.78 -7.50
C LEU B 57 21.41 -7.98 -8.46
N VAL B 58 21.17 -9.18 -7.95
CA VAL B 58 21.14 -10.37 -8.80
C VAL B 58 19.80 -11.07 -8.60
N TYR B 59 19.18 -11.58 -9.66
CA TYR B 59 18.03 -12.44 -9.44
C TYR B 59 18.10 -13.75 -10.23
N CYS B 60 17.58 -14.81 -9.62
CA CYS B 60 17.74 -16.19 -10.08
C CYS B 60 16.43 -16.95 -10.07
N LYS B 61 16.31 -17.90 -10.96
CA LYS B 61 15.23 -18.89 -10.85
C LYS B 61 15.67 -19.93 -9.85
N ARG B 62 14.82 -20.27 -8.89
CA ARG B 62 15.17 -21.39 -8.00
C ARG B 62 14.81 -22.71 -8.67
N LYS B 63 15.79 -23.61 -8.68
CA LYS B 63 15.64 -24.93 -9.31
C LYS B 63 14.66 -25.81 -8.57
N SER B 64 13.75 -26.44 -9.29
CA SER B 64 12.87 -27.42 -8.69
C SER B 64 13.70 -28.64 -8.36
N ARG B 65 13.31 -29.36 -7.31
CA ARG B 65 14.04 -30.55 -6.90
C ARG B 65 13.51 -31.81 -7.58
N VAL B 66 12.60 -31.64 -8.54
CA VAL B 66 12.01 -32.77 -9.23
C VAL B 66 13.02 -33.53 -10.09
N SER B 82 23.84 -27.32 -6.87
CA SER B 82 23.39 -26.04 -7.39
C SER B 82 21.91 -25.84 -7.12
N LEU B 83 21.56 -24.66 -6.61
CA LEU B 83 20.18 -24.40 -6.18
C LEU B 83 19.47 -23.39 -7.08
N TYR B 84 20.25 -22.63 -7.86
CA TYR B 84 19.70 -21.51 -8.62
C TYR B 84 20.18 -21.49 -10.04
N ILE B 85 19.34 -20.92 -10.90
CA ILE B 85 19.73 -20.55 -12.25
C ILE B 85 19.76 -19.02 -12.37
N PHE B 86 20.91 -18.49 -12.78
CA PHE B 86 21.11 -17.06 -13.02
C PHE B 86 20.12 -16.55 -14.03
N ARG B 87 19.48 -15.43 -13.73
CA ARG B 87 18.59 -14.85 -14.72
C ARG B 87 18.88 -13.38 -15.01
N GLY B 88 19.36 -12.63 -14.02
CA GLY B 88 19.57 -11.20 -14.24
C GLY B 88 20.48 -10.53 -13.23
N ARG B 89 21.13 -9.44 -13.64
CA ARG B 89 21.92 -8.64 -12.69
C ARG B 89 21.85 -7.17 -13.07
N ILE B 90 21.93 -6.32 -12.06
CA ILE B 90 21.91 -4.90 -12.27
C ILE B 90 23.00 -4.25 -11.38
N ASN B 91 23.89 -3.46 -11.98
CA ASN B 91 24.82 -2.61 -11.21
CA ASN B 91 24.81 -2.60 -11.22
C ASN B 91 24.03 -1.60 -10.41
N THR B 92 24.12 -1.64 -9.08
CA THR B 92 23.22 -0.75 -8.32
C THR B 92 23.50 0.76 -8.59
N GLU B 93 24.69 1.11 -9.02
CA GLU B 93 24.95 2.52 -9.27
C GLU B 93 24.08 3.11 -10.40
N VAL B 94 23.52 2.29 -11.28
CA VAL B 94 22.62 2.82 -12.32
C VAL B 94 21.18 2.34 -12.10
N MET B 95 20.93 1.74 -10.94
CA MET B 95 19.61 1.23 -10.61
C MET B 95 18.75 2.34 -10.01
N GLU B 96 17.50 2.48 -10.48
CA GLU B 96 16.54 3.34 -9.78
C GLU B 96 15.37 2.53 -9.23
N VAL B 97 14.76 3.04 -8.15
CA VAL B 97 13.69 2.33 -7.48
C VAL B 97 12.51 3.26 -7.23
N GLU B 98 11.29 2.74 -7.39
CA GLU B 98 10.13 3.57 -7.19
C GLU B 98 9.09 2.82 -6.40
N ASN B 99 8.54 3.43 -5.35
CA ASN B 99 7.48 2.76 -4.61
C ASN B 99 6.26 2.51 -5.54
N VAL B 100 5.50 1.46 -5.26
CA VAL B 100 4.22 1.26 -5.91
C VAL B 100 3.16 1.13 -4.81
N GLU B 101 2.11 1.92 -4.89
CA GLU B 101 1.05 1.84 -3.89
C GLU B 101 0.15 0.65 -4.14
N ASP B 102 -0.27 0.01 -3.05
CA ASP B 102 -1.18 -1.11 -3.12
C ASP B 102 -2.39 -0.73 -3.95
N GLY B 103 -2.86 -1.65 -4.79
CA GLY B 103 -4.03 -1.36 -5.60
C GLY B 103 -3.69 -0.81 -6.97
N THR B 104 -2.43 -0.53 -7.22
CA THR B 104 -2.00 -0.13 -8.55
C THR B 104 -2.14 -1.24 -9.58
N ALA B 105 -2.80 -0.96 -10.70
CA ALA B 105 -2.89 -1.91 -11.81
C ALA B 105 -2.68 -1.11 -13.05
N ASP B 106 -1.54 -1.31 -13.73
CA ASP B 106 -1.12 -0.35 -14.75
C ASP B 106 -0.22 -1.01 -15.79
N TYR B 107 0.47 -0.17 -16.55
CA TYR B 107 1.36 -0.63 -17.61
C TYR B 107 2.44 -1.60 -17.10
N HIS B 108 3.18 -1.21 -16.06
CA HIS B 108 4.29 -2.04 -15.61
C HIS B 108 3.79 -3.31 -14.90
N SER B 109 2.59 -3.26 -14.33
CA SER B 109 2.01 -4.46 -13.73
C SER B 109 1.16 -5.24 -14.73
N ASN B 110 1.13 -4.75 -15.97
CA ASN B 110 0.32 -5.28 -17.06
C ASN B 110 -1.13 -5.58 -16.61
N GLY B 111 -1.67 -4.70 -15.77
CA GLY B 111 -3.03 -4.84 -15.28
C GLY B 111 -3.17 -5.67 -14.01
N TYR B 112 -2.09 -6.30 -13.57
CA TYR B 112 -2.13 -7.02 -12.29
C TYR B 112 -2.23 -6.02 -11.12
N THR B 113 -3.05 -6.34 -10.13
CA THR B 113 -3.17 -5.49 -8.94
C THR B 113 -1.98 -5.73 -8.03
N VAL B 114 -1.15 -4.70 -7.89
CA VAL B 114 0.08 -4.81 -7.12
C VAL B 114 -0.22 -4.59 -5.63
N THR B 115 0.29 -5.45 -4.76
CA THR B 115 0.31 -5.13 -3.34
C THR B 115 1.72 -5.44 -2.82
N ASN B 116 2.15 -4.69 -1.79
CA ASN B 116 3.49 -4.89 -1.22
C ASN B 116 4.57 -4.86 -2.31
N GLY B 117 4.41 -3.95 -3.27
CA GLY B 117 5.27 -3.89 -4.44
C GLY B 117 6.08 -2.62 -4.63
N TRP B 118 7.00 -2.69 -5.58
CA TRP B 118 7.82 -1.53 -5.94
C TRP B 118 8.37 -1.84 -7.33
N LYS B 119 8.96 -0.86 -7.99
CA LYS B 119 9.53 -1.08 -9.32
C LYS B 119 11.01 -0.83 -9.31
N ILE B 120 11.70 -1.54 -10.18
CA ILE B 120 13.13 -1.42 -10.37
C ILE B 120 13.42 -1.07 -11.82
N HIS B 121 14.26 -0.07 -12.05
CA HIS B 121 14.68 0.32 -13.39
C HIS B 121 15.98 -0.37 -13.78
N ASN B 122 15.95 -1.20 -14.80
CA ASN B 122 17.13 -1.81 -15.39
C ASN B 122 17.50 -1.00 -16.65
N THR B 123 18.32 0.03 -16.45
CA THR B 123 18.76 0.90 -17.55
C THR B 123 19.44 0.08 -18.63
N ALA B 124 20.25 -0.89 -18.20
CA ALA B 124 20.98 -1.71 -19.15
C ALA B 124 20.05 -2.33 -20.22
N LYS B 125 18.79 -2.60 -19.86
CA LYS B 125 17.85 -3.10 -20.87
C LYS B 125 16.71 -2.12 -21.20
N ASN B 126 16.89 -0.85 -20.83
CA ASN B 126 15.83 0.16 -20.97
C ASN B 126 14.47 -0.36 -20.52
N LYS B 127 14.39 -0.94 -19.34
CA LYS B 127 13.06 -1.40 -18.91
C LYS B 127 12.90 -1.36 -17.39
N TRP B 128 11.65 -1.32 -16.93
CA TRP B 128 11.34 -1.49 -15.52
C TRP B 128 10.78 -2.89 -15.28
N PHE B 129 10.88 -3.41 -14.06
CA PHE B 129 10.01 -4.53 -13.67
C PHE B 129 9.46 -4.30 -12.26
N VAL B 130 8.39 -5.02 -11.90
CA VAL B 130 7.77 -4.85 -10.59
C VAL B 130 8.16 -6.01 -9.64
N CYS B 131 8.58 -5.69 -8.41
CA CYS B 131 8.75 -6.71 -7.36
C CYS B 131 7.55 -6.64 -6.41
N MET B 132 7.11 -7.80 -5.92
CA MET B 132 6.11 -7.88 -4.89
C MET B 132 6.57 -8.86 -3.82
N ALA B 133 6.48 -8.42 -2.57
CA ALA B 133 6.92 -9.19 -1.41
C ALA B 133 5.70 -9.82 -0.78
N LYS B 134 5.93 -10.84 0.05
CA LYS B 134 4.86 -11.59 0.69
C LYS B 134 4.12 -10.72 1.69
N THR B 135 4.85 -9.84 2.35
CA THR B 135 4.29 -9.03 3.43
C THR B 135 4.75 -7.58 3.33
N ALA B 136 4.08 -6.71 4.08
CA ALA B 136 4.50 -5.31 4.16
C ALA B 136 5.91 -5.17 4.79
N GLU B 137 6.18 -5.98 5.81
CA GLU B 137 7.49 -5.95 6.47
C GLU B 137 8.62 -6.36 5.52
N GLU B 138 8.36 -7.38 4.71
CA GLU B 138 9.36 -7.81 3.74
C GLU B 138 9.64 -6.73 2.68
N LYS B 139 8.57 -6.04 2.23
CA LYS B 139 8.74 -4.92 1.30
C LYS B 139 9.62 -3.85 1.95
N GLN B 140 9.29 -3.50 3.19
CA GLN B 140 10.07 -2.46 3.89
C GLN B 140 11.53 -2.87 4.06
N LYS B 141 11.77 -4.15 4.38
CA LYS B 141 13.12 -4.67 4.46
C LYS B 141 13.87 -4.42 3.15
N TRP B 142 13.24 -4.76 2.01
CA TRP B 142 13.94 -4.54 0.71
C TRP B 142 14.19 -3.05 0.42
N LEU B 143 13.19 -2.21 0.64
CA LEU B 143 13.38 -0.81 0.32
C LEU B 143 14.48 -0.19 1.21
N ASP B 144 14.44 -0.52 2.50
CA ASP B 144 15.47 -0.02 3.43
C ASP B 144 16.85 -0.56 3.03
N ALA B 145 16.94 -1.84 2.66
CA ALA B 145 18.26 -2.39 2.29
C ALA B 145 18.83 -1.70 1.04
N ILE B 146 17.98 -1.46 0.03
CA ILE B 146 18.40 -0.74 -1.17
C ILE B 146 18.90 0.70 -0.86
N ILE B 147 18.15 1.38 0.01
CA ILE B 147 18.58 2.71 0.41
C ILE B 147 19.94 2.67 1.11
N ARG B 148 20.10 1.77 2.07
CA ARG B 148 21.37 1.64 2.80
C ARG B 148 22.54 1.30 1.89
N GLU B 149 22.32 0.45 0.88
CA GLU B 149 23.36 0.13 -0.08
C GLU B 149 23.74 1.40 -0.80
N ARG B 150 22.75 2.17 -1.24
CA ARG B 150 23.06 3.42 -1.95
C ARG B 150 23.86 4.41 -1.09
N GLU B 151 23.40 4.59 0.14
CA GLU B 151 24.00 5.54 1.07
C GLU B 151 25.41 5.14 1.44
N GLN B 152 25.65 3.84 1.59
CA GLN B 152 27.01 3.37 1.87
C GLN B 152 27.88 3.63 0.68
N ARG B 153 27.36 3.34 -0.50
CA ARG B 153 28.15 3.49 -1.71
C ARG B 153 28.49 4.97 -1.95
N GLU B 154 27.60 5.86 -1.59
CA GLU B 154 27.85 7.28 -1.79
C GLU B 154 28.67 7.92 -0.68
N SER B 155 28.75 7.26 0.46
CA SER B 155 29.49 7.80 1.59
C SER B 155 31.01 7.88 1.34
N LEU B 156 31.68 8.76 2.08
CA LEU B 156 33.14 8.81 2.09
C LEU B 156 33.69 7.57 2.80
N LYS B 157 34.67 6.89 2.20
CA LYS B 157 35.18 5.62 2.74
C LYS B 157 36.30 5.82 3.77
N LEU B 158 36.48 4.85 4.65
CA LEU B 158 37.42 4.91 5.78
C LEU B 158 38.77 4.21 5.55
C1 4IP C . -22.15 1.63 -6.04
O1 4IP C . -23.29 0.88 -6.45
C2 4IP C . -22.03 1.64 -4.52
O2 4IP C . -23.16 2.32 -4.01
C3 4IP C . -20.71 2.29 -4.10
O3 4IP C . -20.62 2.49 -2.70
C4 4IP C . -20.21 3.45 -5.00
O4 4IP C . -19.46 4.58 -4.53
C5 4IP C . -20.98 3.80 -6.30
O5 4IP C . -21.13 5.18 -6.54
C6 4IP C . -22.27 3.05 -6.56
O6 4IP C . -22.41 3.05 -7.98
P1 4IP C . -23.04 -0.67 -6.61
O1P 4IP C . -24.33 -1.35 -6.93
O2P 4IP C . -22.54 -1.33 -5.32
O3P 4IP C . -22.05 -0.93 -7.70
P3 4IP C . -19.47 1.67 -1.96
O4P 4IP C . -19.60 1.90 -0.47
O5P 4IP C . -18.16 2.31 -2.43
O6P 4IP C . -19.46 0.18 -2.21
P4 4IP C . -19.19 5.47 -3.26
O7P 4IP C . -18.70 6.75 -3.87
O8P 4IP C . -18.10 4.86 -2.41
O9P 4IP C . -20.44 5.73 -2.43
P5 4IP C . -20.47 5.75 -7.87
OPF 4IP C . -21.16 5.07 -9.04
OPG 4IP C . -20.68 7.22 -7.85
OPH 4IP C . -19.00 5.37 -7.94
C1 4IP D . 10.87 -13.60 -20.21
O1 4IP D . 9.74 -14.37 -20.63
C2 4IP D . 11.04 -13.61 -18.69
O2 4IP D . 9.98 -12.91 -18.12
C3 4IP D . 12.38 -12.97 -18.26
O3 4IP D . 12.46 -12.79 -16.86
C4 4IP D . 12.85 -11.79 -19.13
O4 4IP D . 13.66 -10.67 -18.69
C5 4IP D . 12.04 -11.42 -20.41
O5 4IP D . 11.87 -10.04 -20.65
C6 4IP D . 10.78 -12.19 -20.77
O6 4IP D . 10.77 -12.21 -22.21
P1 4IP D . 9.98 -15.94 -20.80
O1P 4IP D . 8.68 -16.57 -21.23
O2P 4IP D . 10.45 -16.59 -19.50
O3P 4IP D . 11.06 -16.21 -21.80
P3 4IP D . 13.62 -13.59 -16.14
O4P 4IP D . 13.48 -13.32 -14.65
O5P 4IP D . 14.93 -12.96 -16.60
O6P 4IP D . 13.58 -15.06 -16.46
P4 4IP D . 13.94 -9.75 -17.43
O7P 4IP D . 14.42 -8.48 -18.07
O8P 4IP D . 15.02 -10.39 -16.62
O9P 4IP D . 12.69 -9.54 -16.61
P5 4IP D . 12.54 -9.49 -22.00
OPF 4IP D . 11.82 -10.12 -23.17
OPG 4IP D . 12.52 -7.99 -21.97
OPH 4IP D . 13.97 -9.95 -22.11
#